data_6VZK
#
_entry.id   6VZK
#
_cell.length_a   48.147
_cell.length_b   56.928
_cell.length_c   97.461
_cell.angle_alpha   90.000
_cell.angle_beta   90.000
_cell.angle_gamma   90.000
#
_symmetry.space_group_name_H-M   'P 21 21 21'
#
loop_
_entity.id
_entity.type
_entity.pdbx_description
1 polymer 'Calcium/calmodulin-dependent protein kinase type II subunit alpha'
2 non-polymer "4'-HYDROXYCINNAMIC ACID"
3 water water
#
_entity_poly.entity_id   1
_entity_poly.type   'polypeptide(L)'
_entity_poly.pdbx_seq_one_letter_code
;TRFTEEYQLFEELGKGAFSVVRRCVKVLAGQEYAAKIINTKKLSARDHQKLEREARICRLLKHPNIVRLHDSISEEGHHY
LIFDLVTGGELFEDIVAREYYSEADASHCIQQILEAVLHCHQMGVVHRNLKPENLLLASKLKGAAVKLADFGLAIEVEGE
QQAWFGFAGTPGYLSPEVLRKDPYGKPVDLWACGVILYILLVGYPPFWDEDQHRLYKQIKAGAYDFPSPEWDTVTPEAKD
LINKMLTINPSKRITAAEALKHPWISHR
;
_entity_poly.pdbx_strand_id   A
#
# COMPACT_ATOMS: atom_id res chain seq x y z
N THR A 1 24.37 19.45 -11.15
CA THR A 1 23.29 19.30 -10.08
C THR A 1 23.47 17.90 -9.41
N ARG A 2 23.00 17.76 -8.18
CA ARG A 2 23.66 16.93 -7.13
C ARG A 2 23.58 15.42 -7.40
N PHE A 3 22.57 14.89 -8.10
CA PHE A 3 22.44 13.42 -8.32
C PHE A 3 23.47 12.98 -9.37
N THR A 4 23.52 13.62 -10.54
CA THR A 4 24.47 13.15 -11.59
C THR A 4 25.90 13.47 -11.15
N GLU A 5 26.10 14.46 -10.25
CA GLU A 5 27.40 14.72 -9.55
C GLU A 5 27.80 13.48 -8.72
N GLU A 6 26.92 12.98 -7.84
CA GLU A 6 27.30 12.11 -6.68
C GLU A 6 26.97 10.63 -6.91
N TYR A 7 26.09 10.25 -7.84
CA TYR A 7 25.50 8.87 -7.92
C TYR A 7 25.68 8.24 -9.30
N GLN A 8 26.03 6.94 -9.35
CA GLN A 8 26.02 6.12 -10.59
C GLN A 8 24.77 5.23 -10.60
N LEU A 9 24.31 4.92 -11.81
CA LEU A 9 22.95 4.41 -12.11
C LEU A 9 23.14 3.00 -12.66
N PHE A 10 22.37 2.02 -12.19
CA PHE A 10 22.60 0.61 -12.57
C PHE A 10 21.28 0.04 -13.09
N GLU A 11 20.79 -1.05 -12.51
CA GLU A 11 19.79 -1.94 -13.18
C GLU A 11 18.35 -1.58 -12.74
N GLU A 12 17.44 -1.51 -13.69
CA GLU A 12 16.02 -1.13 -13.46
C GLU A 12 15.34 -2.18 -12.56
N LEU A 13 14.67 -1.71 -11.50
CA LEU A 13 14.02 -2.51 -10.43
C LEU A 13 12.50 -2.56 -10.67
N GLY A 14 11.95 -1.49 -11.25
CA GLY A 14 10.52 -1.42 -11.61
C GLY A 14 10.28 -0.22 -12.50
N LYS A 15 9.06 -0.08 -13.01
CA LYS A 15 8.64 0.99 -13.95
C LYS A 15 7.12 1.06 -13.92
N GLY A 16 6.54 2.18 -13.48
CA GLY A 16 5.16 2.56 -13.84
C GLY A 16 5.16 3.36 -15.14
N ALA A 17 4.14 4.19 -15.37
CA ALA A 17 4.25 5.41 -16.20
C ALA A 17 5.03 6.41 -15.33
N PHE A 18 5.11 7.68 -15.72
CA PHE A 18 5.76 8.76 -14.93
C PHE A 18 7.21 8.39 -14.59
N SER A 19 7.36 7.27 -13.87
CA SER A 19 8.50 6.93 -12.97
C SER A 19 9.21 5.65 -13.43
N VAL A 20 10.53 5.61 -13.24
CA VAL A 20 11.40 4.39 -13.33
C VAL A 20 12.08 4.22 -11.98
N VAL A 21 12.31 3.00 -11.51
CA VAL A 21 13.16 2.75 -10.31
C VAL A 21 14.42 1.99 -10.75
N ARG A 22 15.59 2.51 -10.43
CA ARG A 22 16.87 1.82 -10.77
C ARG A 22 17.73 1.77 -9.52
N ARG A 23 18.53 0.74 -9.38
CA ARG A 23 19.59 0.71 -8.33
C ARG A 23 20.58 1.80 -8.71
N CYS A 24 21.01 2.60 -7.74
CA CYS A 24 22.11 3.59 -7.90
C CYS A 24 23.10 3.36 -6.76
N VAL A 25 24.34 3.87 -6.88
CA VAL A 25 25.34 3.91 -5.76
C VAL A 25 25.74 5.37 -5.56
N LYS A 26 25.66 5.86 -4.33
CA LYS A 26 26.31 7.10 -3.87
C LYS A 26 27.81 6.77 -3.88
N VAL A 27 28.51 7.19 -4.95
CA VAL A 27 29.90 6.72 -5.25
C VAL A 27 30.83 6.97 -4.06
N LEU A 28 30.90 8.21 -3.58
CA LEU A 28 31.85 8.57 -2.49
C LEU A 28 31.52 7.78 -1.22
N ALA A 29 30.28 7.38 -1.00
CA ALA A 29 29.85 6.62 0.21
C ALA A 29 29.95 5.12 0.00
N GLY A 30 30.09 4.66 -1.24
CA GLY A 30 30.02 3.22 -1.59
C GLY A 30 28.71 2.61 -1.14
N GLN A 31 27.60 3.33 -1.30
CA GLN A 31 26.30 2.90 -0.69
C GLN A 31 25.25 2.79 -1.79
N GLU A 32 24.64 1.61 -1.97
CA GLU A 32 23.54 1.38 -2.96
C GLU A 32 22.22 1.92 -2.38
N TYR A 33 21.33 2.35 -3.28
CA TYR A 33 19.97 2.80 -2.97
C TYR A 33 19.03 2.46 -4.14
N ALA A 34 17.72 2.63 -3.92
CA ALA A 34 16.71 2.75 -4.99
C ALA A 34 16.52 4.24 -5.33
N ALA A 35 16.63 4.59 -6.61
CA ALA A 35 16.30 5.94 -7.12
C ALA A 35 15.04 5.82 -7.98
N LYS A 36 13.98 6.47 -7.52
CA LYS A 36 12.74 6.72 -8.29
C LYS A 36 13.02 7.95 -9.14
N ILE A 37 13.32 7.73 -10.41
CA ILE A 37 13.58 8.79 -11.42
C ILE A 37 12.25 9.13 -12.07
N ILE A 38 11.91 10.41 -12.11
CA ILE A 38 10.60 10.96 -12.60
C ILE A 38 10.90 11.88 -13.79
N ASN A 39 10.22 11.66 -14.93
CA ASN A 39 10.72 12.01 -16.29
C ASN A 39 10.27 13.40 -16.77
N THR A 40 9.79 14.29 -15.88
CA THR A 40 9.43 15.72 -16.15
C THR A 40 10.09 16.26 -17.44
N ASP A 47 0.68 19.55 -11.16
CA ASP A 47 1.37 18.23 -11.22
C ASP A 47 2.78 18.36 -10.63
N HIS A 48 3.40 19.54 -10.72
CA HIS A 48 4.60 19.88 -9.90
C HIS A 48 4.19 19.96 -8.43
N GLN A 49 2.95 20.36 -8.13
CA GLN A 49 2.37 20.39 -6.76
C GLN A 49 2.37 18.96 -6.19
N LYS A 50 1.90 17.98 -6.98
CA LYS A 50 1.75 16.55 -6.58
C LYS A 50 3.14 15.93 -6.40
N LEU A 51 4.10 16.31 -7.25
CA LEU A 51 5.49 15.82 -7.13
C LEU A 51 6.06 16.21 -5.76
N GLU A 52 5.99 17.49 -5.38
CA GLU A 52 6.63 17.96 -4.11
C GLU A 52 5.86 17.38 -2.92
N ARG A 53 4.56 17.08 -3.07
CA ARG A 53 3.72 16.48 -2.01
C ARG A 53 4.25 15.08 -1.68
N GLU A 54 4.43 14.23 -2.69
CA GLU A 54 4.96 12.85 -2.55
C GLU A 54 6.35 12.92 -1.90
N ALA A 55 7.17 13.92 -2.30
CA ALA A 55 8.49 14.22 -1.72
C ALA A 55 8.33 14.54 -0.24
N ARG A 56 7.40 15.43 0.12
CA ARG A 56 7.15 15.90 1.51
C ARG A 56 6.66 14.75 2.38
N ILE A 57 5.75 13.94 1.84
CA ILE A 57 5.11 12.79 2.56
C ILE A 57 6.16 11.71 2.82
N CYS A 58 6.95 11.36 1.80
CA CYS A 58 8.08 10.40 1.93
C CYS A 58 9.02 10.84 3.05
N ARG A 59 9.33 12.14 3.14
CA ARG A 59 10.16 12.73 4.24
C ARG A 59 9.45 12.59 5.59
N LEU A 60 8.16 12.93 5.66
CA LEU A 60 7.31 12.90 6.89
C LEU A 60 7.45 11.54 7.59
N LEU A 61 7.58 10.45 6.81
CA LEU A 61 7.31 9.07 7.28
C LEU A 61 8.64 8.32 7.51
N LYS A 62 9.03 8.22 8.78
CA LYS A 62 10.17 7.41 9.25
C LYS A 62 9.58 6.29 10.11
N HIS A 63 9.62 5.05 9.63
CA HIS A 63 8.96 3.89 10.26
C HIS A 63 9.56 2.61 9.69
N PRO A 64 9.81 1.58 10.54
CA PRO A 64 10.29 0.28 10.08
C PRO A 64 9.53 -0.31 8.87
N ASN A 65 8.25 0.07 8.73
CA ASN A 65 7.30 -0.53 7.77
C ASN A 65 7.03 0.43 6.61
N ILE A 66 7.83 1.48 6.48
CA ILE A 66 7.67 2.49 5.41
C ILE A 66 9.06 2.75 4.83
N VAL A 67 9.18 2.55 3.54
CA VAL A 67 10.32 2.90 2.68
C VAL A 67 10.93 4.22 3.18
N ARG A 68 12.23 4.24 3.46
CA ARG A 68 12.89 5.40 4.13
C ARG A 68 13.57 6.26 3.07
N LEU A 69 13.05 7.48 2.82
CA LEU A 69 13.62 8.47 1.88
C LEU A 69 15.01 8.88 2.37
N HIS A 70 16.03 8.66 1.55
CA HIS A 70 17.42 9.12 1.80
C HIS A 70 17.58 10.55 1.32
N ASP A 71 17.01 10.91 0.18
CA ASP A 71 17.14 12.28 -0.36
C ASP A 71 16.15 12.51 -1.52
N SER A 72 15.79 13.78 -1.76
CA SER A 72 14.98 14.26 -2.91
C SER A 72 15.85 15.23 -3.69
N ILE A 73 16.05 14.98 -4.98
CA ILE A 73 16.96 15.81 -5.81
C ILE A 73 16.25 16.26 -7.09
N SER A 74 16.18 17.57 -7.31
CA SER A 74 15.68 18.23 -8.55
C SER A 74 16.86 18.57 -9.49
N GLU A 75 16.86 17.95 -10.69
CA GLU A 75 17.79 18.25 -11.82
C GLU A 75 17.00 18.70 -13.06
N GLU A 76 17.70 19.26 -14.06
CA GLU A 76 17.15 19.60 -15.40
C GLU A 76 16.46 18.37 -16.00
N GLY A 77 15.13 18.33 -15.95
CA GLY A 77 14.29 17.37 -16.69
C GLY A 77 13.93 16.12 -15.91
N HIS A 78 14.63 15.83 -14.82
CA HIS A 78 14.43 14.61 -13.99
C HIS A 78 14.39 15.00 -12.53
N HIS A 79 13.51 14.36 -11.74
CA HIS A 79 13.54 14.44 -10.26
C HIS A 79 13.84 13.07 -9.68
N TYR A 80 14.73 13.00 -8.67
CA TYR A 80 15.16 11.75 -7.99
C TYR A 80 14.74 11.80 -6.52
N LEU A 81 13.92 10.80 -6.15
CA LEU A 81 13.64 10.40 -4.76
C LEU A 81 14.43 9.10 -4.53
N ILE A 82 15.49 9.19 -3.72
CA ILE A 82 16.41 8.09 -3.35
C ILE A 82 15.91 7.47 -2.03
N PHE A 83 15.77 6.14 -1.99
CA PHE A 83 15.31 5.39 -0.80
C PHE A 83 16.33 4.31 -0.45
N ASP A 84 16.36 3.89 0.80
CA ASP A 84 17.10 2.65 1.19
C ASP A 84 16.64 1.53 0.26
N LEU A 85 17.59 0.75 -0.27
CA LEU A 85 17.28 -0.44 -1.10
C LEU A 85 16.69 -1.52 -0.18
N VAL A 86 15.45 -1.96 -0.48
CA VAL A 86 14.81 -3.20 0.05
C VAL A 86 14.84 -4.20 -1.10
N THR A 87 15.40 -5.38 -0.90
CA THR A 87 15.84 -6.31 -1.99
C THR A 87 14.94 -7.55 -2.09
N GLY A 88 13.90 -7.67 -1.26
CA GLY A 88 13.06 -8.89 -1.11
C GLY A 88 11.95 -9.03 -2.17
N GLY A 89 11.72 -8.03 -3.03
CA GLY A 89 10.72 -8.04 -4.11
C GLY A 89 9.34 -7.59 -3.61
N GLU A 90 8.43 -7.25 -4.54
CA GLU A 90 7.00 -6.93 -4.21
C GLU A 90 6.37 -8.08 -3.40
N LEU A 91 5.43 -7.75 -2.52
CA LEU A 91 4.55 -8.74 -1.85
C LEU A 91 3.78 -9.54 -2.92
N PHE A 92 3.32 -8.83 -3.96
CA PHE A 92 2.62 -9.35 -5.16
C PHE A 92 3.29 -10.64 -5.66
N GLU A 93 4.56 -10.53 -6.10
CA GLU A 93 5.42 -11.64 -6.61
C GLU A 93 5.40 -12.84 -5.66
N ASP A 94 5.67 -12.62 -4.37
CA ASP A 94 5.74 -13.69 -3.35
C ASP A 94 4.38 -14.42 -3.24
N ILE A 95 3.25 -13.72 -3.43
CA ILE A 95 1.92 -14.39 -3.37
C ILE A 95 1.83 -15.33 -4.59
N VAL A 96 2.17 -14.81 -5.76
CA VAL A 96 2.15 -15.59 -7.04
C VAL A 96 2.92 -16.90 -6.81
N ALA A 97 4.20 -16.79 -6.44
CA ALA A 97 5.16 -17.90 -6.23
C ALA A 97 4.58 -18.91 -5.23
N ARG A 98 4.02 -18.44 -4.11
CA ARG A 98 3.61 -19.30 -2.96
C ARG A 98 2.10 -19.62 -3.01
N GLU A 99 1.37 -19.09 -4.00
CA GLU A 99 -0.11 -19.23 -4.15
C GLU A 99 -0.84 -18.52 -3.00
N TYR A 100 -0.47 -18.79 -1.75
CA TYR A 100 -1.13 -18.19 -0.59
C TYR A 100 -0.25 -18.37 0.64
N TYR A 101 -0.61 -17.70 1.72
CA TYR A 101 0.10 -17.68 3.02
C TYR A 101 -0.69 -18.52 4.03
N SER A 102 -0.02 -19.29 4.87
CA SER A 102 -0.56 -19.81 6.15
C SER A 102 -1.15 -18.65 6.94
N GLU A 103 -2.19 -18.89 7.74
CA GLU A 103 -2.78 -17.85 8.63
C GLU A 103 -1.64 -17.27 9.48
N ALA A 104 -0.71 -18.10 9.95
CA ALA A 104 0.51 -17.65 10.66
C ALA A 104 1.16 -16.51 9.86
N ASP A 105 1.49 -16.77 8.58
CA ASP A 105 2.32 -15.86 7.73
C ASP A 105 1.49 -14.65 7.24
N ALA A 106 0.21 -14.88 6.91
CA ALA A 106 -0.77 -13.83 6.54
C ALA A 106 -0.93 -12.82 7.69
N SER A 107 -0.94 -13.31 8.92
CA SER A 107 -1.22 -12.49 10.12
C SER A 107 0.00 -11.64 10.47
N HIS A 108 1.20 -12.19 10.40
CA HIS A 108 2.41 -11.37 10.66
C HIS A 108 2.51 -10.29 9.58
N CYS A 109 2.09 -10.61 8.35
CA CYS A 109 2.17 -9.72 7.17
C CYS A 109 1.21 -8.53 7.32
N ILE A 110 -0.07 -8.79 7.57
CA ILE A 110 -1.12 -7.74 7.62
C ILE A 110 -0.85 -6.87 8.85
N GLN A 111 -0.35 -7.47 9.92
CA GLN A 111 0.26 -6.75 11.07
C GLN A 111 1.29 -5.74 10.56
N GLN A 112 2.31 -6.18 9.80
CA GLN A 112 3.38 -5.28 9.30
C GLN A 112 2.70 -4.11 8.60
N ILE A 113 1.71 -4.41 7.78
CA ILE A 113 0.99 -3.46 6.89
C ILE A 113 0.19 -2.47 7.75
N LEU A 114 -0.53 -2.98 8.76
CA LEU A 114 -1.38 -2.15 9.66
C LEU A 114 -0.52 -1.18 10.45
N GLU A 115 0.71 -1.54 10.81
CA GLU A 115 1.62 -0.64 11.57
C GLU A 115 1.97 0.56 10.68
N ALA A 116 2.32 0.27 9.43
CA ALA A 116 2.64 1.32 8.43
C ALA A 116 1.40 2.19 8.26
N VAL A 117 0.21 1.58 8.16
CA VAL A 117 -1.04 2.34 7.87
C VAL A 117 -1.39 3.18 9.09
N LEU A 118 -1.12 2.64 10.29
CA LEU A 118 -1.39 3.32 11.58
C LEU A 118 -0.52 4.56 11.70
N HIS A 119 0.77 4.45 11.37
CA HIS A 119 1.69 5.62 11.38
C HIS A 119 1.18 6.68 10.39
N CYS A 120 0.97 6.29 9.12
CA CYS A 120 0.47 7.18 8.05
C CYS A 120 -0.69 8.01 8.58
N HIS A 121 -1.65 7.34 9.22
CA HIS A 121 -2.92 7.93 9.70
C HIS A 121 -2.65 8.88 10.86
N GLN A 122 -1.81 8.44 11.79
CA GLN A 122 -1.37 9.27 12.94
C GLN A 122 -0.70 10.55 12.41
N MET A 123 0.05 10.46 11.29
CA MET A 123 0.72 11.62 10.63
C MET A 123 -0.19 12.34 9.62
N GLY A 124 -1.49 12.04 9.57
CA GLY A 124 -2.47 12.67 8.67
C GLY A 124 -2.16 12.40 7.19
N VAL A 125 -1.63 11.23 6.88
CA VAL A 125 -1.45 10.75 5.49
C VAL A 125 -2.41 9.58 5.25
N VAL A 126 -3.14 9.63 4.13
CA VAL A 126 -3.93 8.52 3.52
C VAL A 126 -3.28 8.18 2.18
N HIS A 127 -2.90 6.93 2.00
CA HIS A 127 -2.17 6.41 0.83
C HIS A 127 -3.11 6.36 -0.38
N ARG A 128 -4.20 5.59 -0.28
CA ARG A 128 -5.28 5.47 -1.30
C ARG A 128 -4.94 4.46 -2.37
N ASN A 129 -3.74 3.85 -2.33
CA ASN A 129 -3.36 2.86 -3.37
C ASN A 129 -2.62 1.71 -2.73
N LEU A 130 -3.18 1.17 -1.64
CA LEU A 130 -2.64 -0.04 -0.95
C LEU A 130 -2.90 -1.25 -1.83
N LYS A 131 -1.87 -1.99 -2.16
CA LYS A 131 -2.00 -3.26 -2.90
C LYS A 131 -0.64 -3.93 -2.87
N PRO A 132 -0.57 -5.26 -3.10
CA PRO A 132 0.68 -5.98 -2.94
C PRO A 132 1.86 -5.41 -3.74
N GLU A 133 1.62 -4.85 -4.92
CA GLU A 133 2.69 -4.28 -5.79
C GLU A 133 3.40 -3.11 -5.08
N ASN A 134 2.77 -2.51 -4.05
CA ASN A 134 3.21 -1.27 -3.36
C ASN A 134 3.60 -1.62 -1.92
N LEU A 135 3.78 -2.91 -1.64
CA LEU A 135 4.37 -3.41 -0.38
C LEU A 135 5.57 -4.26 -0.74
N LEU A 136 6.75 -3.89 -0.22
CA LEU A 136 8.06 -4.49 -0.57
C LEU A 136 8.59 -5.27 0.62
N LEU A 137 9.28 -6.39 0.38
CA LEU A 137 9.83 -7.26 1.45
C LEU A 137 11.29 -6.90 1.76
N ALA A 138 11.69 -6.95 3.02
CA ALA A 138 13.12 -6.98 3.42
C ALA A 138 13.63 -8.44 3.34
N GLY A 143 10.47 -14.62 7.29
CA GLY A 143 9.85 -13.72 8.29
C GLY A 143 10.10 -12.25 8.00
N ALA A 144 10.35 -11.93 6.72
CA ALA A 144 10.86 -10.64 6.20
C ALA A 144 9.79 -9.54 6.34
N ALA A 145 10.13 -8.45 7.06
CA ALA A 145 9.24 -7.28 7.30
C ALA A 145 8.82 -6.65 5.98
N VAL A 146 7.59 -6.11 5.96
CA VAL A 146 6.91 -5.52 4.78
C VAL A 146 7.04 -3.99 4.90
N LYS A 147 7.45 -3.34 3.81
CA LYS A 147 7.63 -1.87 3.72
C LYS A 147 6.65 -1.30 2.70
N LEU A 148 5.82 -0.36 3.16
CA LEU A 148 4.82 0.37 2.34
C LEU A 148 5.55 1.35 1.39
N ALA A 149 5.17 1.39 0.10
CA ALA A 149 5.85 2.21 -0.94
C ALA A 149 4.85 2.98 -1.80
N ASP A 150 5.36 3.71 -2.79
CA ASP A 150 4.62 4.48 -3.83
C ASP A 150 3.59 5.37 -3.15
N PHE A 151 4.02 6.57 -2.78
CA PHE A 151 3.18 7.62 -2.13
C PHE A 151 2.70 8.62 -3.17
N GLY A 152 2.71 8.21 -4.46
CA GLY A 152 2.29 9.00 -5.63
C GLY A 152 0.84 9.44 -5.58
N LEU A 153 -0.04 8.70 -4.93
CA LEU A 153 -1.50 9.01 -4.90
C LEU A 153 -1.91 9.49 -3.50
N ALA A 154 -0.95 9.63 -2.57
CA ALA A 154 -1.26 9.87 -1.13
C ALA A 154 -1.77 11.29 -0.98
N ILE A 155 -2.59 11.50 0.05
CA ILE A 155 -3.21 12.82 0.41
C ILE A 155 -2.96 13.07 1.89
N GLU A 156 -3.10 14.33 2.31
CA GLU A 156 -3.03 14.78 3.72
C GLU A 156 -4.46 15.13 4.16
N VAL A 157 -4.86 14.62 5.33
CA VAL A 157 -6.17 14.86 5.97
C VAL A 157 -5.90 15.51 7.33
N GLU A 158 -6.91 16.17 7.89
CA GLU A 158 -6.91 16.69 9.29
C GLU A 158 -7.81 15.77 10.12
N GLY A 159 -7.17 14.88 10.90
CA GLY A 159 -7.87 13.94 11.79
C GLY A 159 -8.93 13.15 11.05
N GLU A 160 -10.18 13.28 11.47
CA GLU A 160 -11.32 12.49 10.96
C GLU A 160 -12.01 13.23 9.81
N GLN A 161 -11.43 14.33 9.31
CA GLN A 161 -11.98 15.06 8.14
C GLN A 161 -12.23 14.02 7.03
N GLN A 162 -13.30 14.18 6.28
CA GLN A 162 -13.56 13.43 5.03
C GLN A 162 -14.01 14.47 4.00
N ALA A 163 -13.37 14.50 2.82
CA ALA A 163 -13.83 15.29 1.66
C ALA A 163 -13.74 14.43 0.41
N TRP A 164 -14.25 14.97 -0.70
CA TRP A 164 -13.95 14.45 -2.07
C TRP A 164 -12.54 14.89 -2.48
N PHE A 165 -11.57 13.97 -2.40
CA PHE A 165 -10.16 14.19 -2.77
C PHE A 165 -9.89 13.73 -4.20
N GLY A 166 -10.90 13.22 -4.89
CA GLY A 166 -10.80 12.84 -6.31
C GLY A 166 -10.88 11.34 -6.47
N PHE A 167 -11.11 10.90 -7.71
CA PHE A 167 -11.33 9.48 -8.09
C PHE A 167 -9.98 8.89 -8.51
N ALA A 168 -9.28 8.26 -7.57
CA ALA A 168 -7.89 7.80 -7.73
C ALA A 168 -7.70 6.47 -7.01
N GLY A 169 -6.84 5.60 -7.56
CA GLY A 169 -6.39 4.33 -6.95
C GLY A 169 -6.43 3.18 -7.94
N THR A 170 -6.50 1.94 -7.46
CA THR A 170 -6.48 0.73 -8.32
C THR A 170 -7.85 0.08 -8.28
N PRO A 171 -8.50 -0.10 -9.45
CA PRO A 171 -9.85 -0.66 -9.52
C PRO A 171 -10.18 -1.73 -8.48
N GLY A 172 -9.38 -2.81 -8.41
CA GLY A 172 -9.64 -3.97 -7.50
C GLY A 172 -9.78 -3.58 -6.03
N TYR A 173 -9.16 -2.48 -5.63
CA TYR A 173 -8.89 -2.13 -4.22
C TYR A 173 -9.74 -0.96 -3.75
N LEU A 174 -10.53 -0.33 -4.62
CA LEU A 174 -11.19 0.98 -4.37
C LEU A 174 -12.36 0.78 -3.42
N SER A 175 -12.49 1.68 -2.46
CA SER A 175 -13.55 1.74 -1.43
C SER A 175 -14.89 2.07 -2.07
N PRO A 176 -16.01 1.57 -1.49
CA PRO A 176 -17.35 1.95 -1.92
C PRO A 176 -17.51 3.48 -1.91
N GLU A 177 -17.08 4.12 -0.84
CA GLU A 177 -17.26 5.60 -0.67
C GLU A 177 -16.62 6.32 -1.87
N VAL A 178 -15.48 5.85 -2.35
CA VAL A 178 -14.74 6.51 -3.44
C VAL A 178 -15.52 6.23 -4.73
N LEU A 179 -15.99 4.99 -4.94
CA LEU A 179 -16.78 4.63 -6.17
C LEU A 179 -18.13 5.37 -6.23
N ARG A 180 -18.76 5.72 -5.10
CA ARG A 180 -20.05 6.44 -5.07
C ARG A 180 -19.77 7.93 -5.23
N LYS A 181 -18.51 8.36 -5.18
CA LYS A 181 -18.09 9.79 -5.26
C LYS A 181 -18.53 10.50 -3.96
N ASP A 182 -18.66 9.74 -2.88
CA ASP A 182 -18.87 10.27 -1.50
C ASP A 182 -17.56 10.77 -0.94
N PRO A 183 -17.57 11.79 -0.07
CA PRO A 183 -16.34 12.20 0.60
C PRO A 183 -15.80 11.04 1.46
N TYR A 184 -14.50 11.04 1.73
CA TYR A 184 -13.77 9.88 2.31
C TYR A 184 -12.48 10.35 2.95
N GLY A 185 -11.82 9.43 3.64
CA GLY A 185 -10.51 9.65 4.25
C GLY A 185 -9.85 8.35 4.62
N LYS A 186 -9.34 8.27 5.85
CA LYS A 186 -8.47 7.16 6.33
C LYS A 186 -9.09 5.79 6.05
N PRO A 187 -10.42 5.63 6.24
CA PRO A 187 -11.03 4.32 6.09
C PRO A 187 -10.84 3.65 4.71
N VAL A 188 -10.50 4.37 3.65
CA VAL A 188 -10.34 3.70 2.31
C VAL A 188 -9.13 2.77 2.34
N ASP A 189 -8.10 3.13 3.11
CA ASP A 189 -6.90 2.30 3.31
C ASP A 189 -7.32 1.00 4.00
N LEU A 190 -8.24 1.05 4.96
CA LEU A 190 -8.65 -0.17 5.71
C LEU A 190 -9.41 -1.10 4.79
N TRP A 191 -10.16 -0.55 3.83
CA TRP A 191 -10.84 -1.39 2.81
C TRP A 191 -9.79 -2.17 2.02
N ALA A 192 -8.77 -1.48 1.55
CA ALA A 192 -7.69 -2.06 0.74
C ALA A 192 -7.03 -3.20 1.53
N CYS A 193 -6.76 -2.97 2.82
CA CYS A 193 -6.24 -3.99 3.79
C CYS A 193 -7.13 -5.22 3.86
N GLY A 194 -8.45 -5.03 3.85
CA GLY A 194 -9.41 -6.14 3.77
C GLY A 194 -9.15 -6.96 2.52
N VAL A 195 -9.13 -6.30 1.38
CA VAL A 195 -8.94 -6.93 0.04
C VAL A 195 -7.60 -7.67 0.07
N ILE A 196 -6.53 -7.02 0.51
CA ILE A 196 -5.18 -7.64 0.62
C ILE A 196 -5.29 -8.88 1.49
N LEU A 197 -5.79 -8.78 2.72
CA LEU A 197 -5.84 -9.90 3.70
C LEU A 197 -6.49 -11.13 3.08
N TYR A 198 -7.55 -10.92 2.29
CA TYR A 198 -8.39 -11.97 1.65
C TYR A 198 -7.54 -12.72 0.61
N ILE A 199 -6.71 -12.01 -0.14
CA ILE A 199 -5.76 -12.56 -1.16
C ILE A 199 -4.72 -13.41 -0.43
N LEU A 200 -4.00 -12.83 0.53
CA LEU A 200 -3.07 -13.53 1.43
C LEU A 200 -3.60 -14.94 1.76
N LEU A 201 -4.87 -15.07 2.17
CA LEU A 201 -5.42 -16.31 2.81
C LEU A 201 -5.76 -17.39 1.77
N VAL A 202 -6.20 -17.01 0.55
CA VAL A 202 -6.69 -17.97 -0.48
C VAL A 202 -6.07 -17.67 -1.86
N GLY A 203 -5.69 -16.44 -2.17
CA GLY A 203 -4.76 -16.12 -3.29
C GLY A 203 -5.47 -15.51 -4.50
N TYR A 204 -6.75 -15.21 -4.36
CA TYR A 204 -7.55 -14.40 -5.32
C TYR A 204 -8.29 -13.32 -4.56
N PRO A 205 -8.71 -12.22 -5.22
CA PRO A 205 -9.34 -11.11 -4.53
C PRO A 205 -10.84 -11.35 -4.28
N PRO A 206 -11.42 -10.61 -3.35
CA PRO A 206 -12.85 -10.77 -3.01
C PRO A 206 -13.79 -10.28 -4.12
N PHE A 207 -13.32 -9.29 -4.89
CA PHE A 207 -14.05 -8.63 -6.00
C PHE A 207 -13.22 -8.80 -7.27
N TRP A 208 -13.67 -9.69 -8.15
CA TRP A 208 -13.10 -9.92 -9.50
C TRP A 208 -14.25 -9.89 -10.49
N ASP A 209 -13.93 -9.63 -11.75
CA ASP A 209 -14.91 -9.56 -12.87
C ASP A 209 -14.14 -9.05 -14.09
N GLU A 210 -14.46 -9.58 -15.27
CA GLU A 210 -13.91 -9.12 -16.58
C GLU A 210 -14.33 -7.66 -16.78
N ASP A 211 -15.60 -7.38 -16.49
CA ASP A 211 -16.32 -6.11 -16.73
C ASP A 211 -16.12 -5.18 -15.51
N GLN A 212 -15.45 -4.05 -15.68
CA GLN A 212 -15.13 -3.09 -14.60
C GLN A 212 -16.42 -2.57 -13.95
N HIS A 213 -17.42 -2.25 -14.75
CA HIS A 213 -18.74 -1.77 -14.30
C HIS A 213 -19.34 -2.76 -13.29
N ARG A 214 -19.19 -4.08 -13.52
CA ARG A 214 -19.79 -5.13 -12.66
C ARG A 214 -18.93 -5.36 -11.42
N LEU A 215 -17.61 -5.27 -11.58
CA LEU A 215 -16.62 -5.15 -10.47
C LEU A 215 -17.08 -4.06 -9.50
N TYR A 216 -17.37 -2.87 -10.03
CA TYR A 216 -17.72 -1.66 -9.24
C TYR A 216 -19.09 -1.83 -8.58
N LYS A 217 -20.00 -2.60 -9.19
CA LYS A 217 -21.33 -2.90 -8.58
C LYS A 217 -21.08 -3.84 -7.40
N GLN A 218 -20.25 -4.86 -7.58
CA GLN A 218 -19.93 -5.83 -6.52
C GLN A 218 -19.36 -5.06 -5.32
N ILE A 219 -18.36 -4.20 -5.57
CA ILE A 219 -17.59 -3.52 -4.50
C ILE A 219 -18.56 -2.68 -3.67
N LYS A 220 -19.27 -1.77 -4.32
CA LYS A 220 -20.31 -0.87 -3.74
C LYS A 220 -21.34 -1.66 -2.92
N ALA A 221 -21.63 -2.91 -3.28
CA ALA A 221 -22.67 -3.77 -2.66
C ALA A 221 -22.08 -4.80 -1.67
N GLY A 222 -20.75 -4.82 -1.50
CA GLY A 222 -20.04 -5.74 -0.59
C GLY A 222 -20.23 -7.21 -0.95
N ALA A 223 -20.41 -7.54 -2.24
CA ALA A 223 -20.74 -8.90 -2.70
C ALA A 223 -19.45 -9.75 -2.68
N TYR A 224 -19.02 -10.16 -1.50
CA TYR A 224 -17.92 -11.14 -1.31
C TYR A 224 -18.53 -12.32 -0.55
N ASP A 225 -18.02 -13.51 -0.85
CA ASP A 225 -18.36 -14.76 -0.11
C ASP A 225 -17.03 -15.34 0.36
N PHE A 226 -17.15 -16.37 1.17
CA PHE A 226 -16.04 -17.24 1.61
C PHE A 226 -16.33 -18.63 1.04
N PRO A 227 -16.24 -18.84 -0.30
CA PRO A 227 -16.67 -20.09 -0.91
C PRO A 227 -15.89 -21.32 -0.41
N SER A 228 -16.62 -22.43 -0.28
CA SER A 228 -16.07 -23.82 -0.20
C SER A 228 -15.44 -24.19 -1.55
N PRO A 229 -14.40 -25.04 -1.60
CA PRO A 229 -13.82 -25.67 -0.40
C PRO A 229 -12.76 -24.91 0.40
N GLU A 230 -12.10 -23.91 -0.19
CA GLU A 230 -10.78 -23.37 0.26
C GLU A 230 -10.90 -22.53 1.54
N TRP A 231 -12.10 -22.00 1.86
CA TRP A 231 -12.34 -21.14 3.05
C TRP A 231 -12.79 -21.95 4.28
N ASP A 232 -13.15 -23.23 4.09
CA ASP A 232 -13.80 -24.08 5.13
C ASP A 232 -12.88 -24.25 6.34
N THR A 233 -11.56 -24.39 6.11
CA THR A 233 -10.53 -24.59 7.17
C THR A 233 -9.98 -23.23 7.67
N VAL A 234 -10.30 -22.11 7.00
CA VAL A 234 -9.90 -20.76 7.47
C VAL A 234 -10.70 -20.44 8.74
N THR A 235 -10.06 -19.82 9.74
CA THR A 235 -10.59 -19.67 11.12
C THR A 235 -11.76 -18.68 11.16
N PRO A 236 -12.54 -18.65 12.27
CA PRO A 236 -13.54 -17.63 12.48
C PRO A 236 -12.90 -16.25 12.72
N GLU A 237 -11.78 -16.21 13.44
CA GLU A 237 -11.08 -14.95 13.80
C GLU A 237 -10.60 -14.26 12.50
N ALA A 238 -10.11 -15.01 11.49
CA ALA A 238 -9.60 -14.43 10.21
C ALA A 238 -10.73 -13.75 9.43
N LYS A 239 -11.81 -14.50 9.19
CA LYS A 239 -13.02 -14.04 8.46
C LYS A 239 -13.66 -12.87 9.23
N ASP A 240 -13.53 -12.85 10.55
CA ASP A 240 -14.04 -11.74 11.37
C ASP A 240 -13.28 -10.49 10.95
N LEU A 241 -11.95 -10.53 10.89
CA LEU A 241 -11.14 -9.34 10.56
C LEU A 241 -11.52 -8.85 9.16
N ILE A 242 -11.68 -9.76 8.20
CA ILE A 242 -12.00 -9.36 6.79
C ILE A 242 -13.36 -8.64 6.73
N ASN A 243 -14.36 -9.15 7.44
CA ASN A 243 -15.71 -8.52 7.49
C ASN A 243 -15.66 -7.08 8.06
N LYS A 244 -14.82 -6.87 9.08
CA LYS A 244 -14.69 -5.60 9.82
C LYS A 244 -13.91 -4.62 8.96
N MET A 245 -13.01 -5.15 8.11
CA MET A 245 -12.18 -4.38 7.16
C MET A 245 -13.03 -4.06 5.93
N LEU A 246 -13.85 -5.03 5.48
CA LEU A 246 -14.71 -4.90 4.28
C LEU A 246 -16.15 -4.46 4.66
N THR A 247 -16.30 -3.66 5.72
CA THR A 247 -17.57 -2.97 6.07
C THR A 247 -17.74 -1.76 5.14
N ILE A 248 -18.90 -1.67 4.48
CA ILE A 248 -19.26 -0.62 3.47
C ILE A 248 -19.26 0.75 4.16
N ASN A 249 -19.77 0.81 5.39
CA ASN A 249 -19.85 2.07 6.15
C ASN A 249 -18.43 2.40 6.61
N PRO A 250 -17.84 3.52 6.12
CA PRO A 250 -16.46 3.86 6.41
C PRO A 250 -16.30 4.16 7.90
N SER A 251 -17.33 4.74 8.52
CA SER A 251 -17.33 5.17 9.95
C SER A 251 -17.39 3.94 10.88
N LYS A 252 -18.01 2.86 10.42
CA LYS A 252 -18.24 1.58 11.15
C LYS A 252 -17.06 0.62 10.92
N ARG A 253 -16.26 0.89 9.89
CA ARG A 253 -15.13 0.04 9.43
C ARG A 253 -14.07 0.01 10.54
N ILE A 254 -13.38 -1.10 10.72
CA ILE A 254 -12.28 -1.16 11.73
C ILE A 254 -11.19 -0.16 11.31
N THR A 255 -10.73 0.67 12.27
CA THR A 255 -9.53 1.53 12.12
C THR A 255 -8.28 0.65 12.21
N ALA A 256 -7.15 1.17 11.72
CA ALA A 256 -5.83 0.50 11.76
C ALA A 256 -5.52 0.10 13.20
N ALA A 257 -5.64 1.03 14.14
CA ALA A 257 -5.30 0.85 15.56
C ALA A 257 -6.13 -0.28 16.16
N GLU A 258 -7.42 -0.31 15.86
CA GLU A 258 -8.37 -1.35 16.36
C GLU A 258 -8.01 -2.69 15.75
N ALA A 259 -7.53 -2.69 14.51
CA ALA A 259 -7.21 -3.93 13.77
C ALA A 259 -5.91 -4.55 14.33
N LEU A 260 -5.03 -3.75 14.93
CA LEU A 260 -3.81 -4.33 15.57
C LEU A 260 -4.18 -5.00 16.89
N LYS A 261 -5.26 -4.56 17.56
CA LYS A 261 -5.70 -5.13 18.87
C LYS A 261 -6.66 -6.31 18.64
N HIS A 262 -6.95 -6.67 17.39
CA HIS A 262 -7.81 -7.83 17.04
C HIS A 262 -7.04 -9.12 17.35
N PRO A 263 -7.70 -10.12 17.99
CA PRO A 263 -7.03 -11.36 18.40
C PRO A 263 -6.26 -12.12 17.30
N TRP A 264 -6.75 -12.10 16.07
CA TRP A 264 -6.06 -12.77 14.93
C TRP A 264 -4.68 -12.12 14.74
N ILE A 265 -4.53 -10.86 15.15
CA ILE A 265 -3.27 -10.08 14.99
C ILE A 265 -2.50 -10.03 16.32
N SER A 266 -3.14 -9.66 17.43
CA SER A 266 -2.57 -9.65 18.81
C SER A 266 -2.00 -11.01 19.19
N HIS A 267 -2.77 -12.07 18.87
CA HIS A 267 -2.78 -13.39 19.56
C HIS A 267 -2.91 -13.19 21.09
N ARG A 268 -3.73 -12.25 21.56
CA ARG A 268 -3.85 -11.87 23.00
C ARG A 268 -5.24 -11.27 23.30
#